data_1NQ7
#
_entry.id   1NQ7
#
_cell.length_a   52.823
_cell.length_b   58.343
_cell.length_c   105.668
_cell.angle_alpha   90.00
_cell.angle_beta   90.00
_cell.angle_gamma   90.00
#
_symmetry.space_group_name_H-M   'P 21 21 21'
#
loop_
_entity.id
_entity.type
_entity.pdbx_description
1 polymer 'NUCLEAR RECEPTOR ROR-BETA'
2 polymer 'STEROID RECEPTOR COACTIVATOR-1'
3 non-polymer '7-(3,5-DITERT-BUTYLPHENYL)-3-METHYLOCTA-2,4,6-TRIENOIC ACID'
4 water water
#
loop_
_entity_poly.entity_id
_entity_poly.type
_entity_poly.pdbx_seq_one_letter_code
_entity_poly.pdbx_strand_id
1 'polypeptide(L)'
;TMSEIDRIAQNIIKSHLETCQYTMEELHQLAWQTHTYEEIKAYQSKSREALWQQCAIQITHAIQYVVEFAKRITGFMELC
QNDQILLLKSGCLEVVLVRMCRAFNPLNNTVLFEGKYGGMQMFKALGSDDLVNEAFDFAKNLCSLQLTEEEIALFSSAVL
ISPDRAWLLEPRKVQKLQEKIYFALQHVIQKNHLDDETLAKLIAKIPTITAVCNLHGEKLQVFKQSHPDIVNTLFPPLYK
ELFN
;
A
2 'polypeptide(L)' HKILHRLLQE B
#
loop_
_chem_comp.id
_chem_comp.type
_chem_comp.name
_chem_comp.formula
ARL non-polymer '7-(3,5-DITERT-BUTYLPHENYL)-3-METHYLOCTA-2,4,6-TRIENOIC ACID' 'C23 H32 O2'
#
# COMPACT_ATOMS: atom_id res chain seq x y z
N THR A 1 22.91 -11.66 15.62
CA THR A 1 22.98 -10.56 16.63
C THR A 1 21.60 -10.00 16.94
N MET A 2 21.12 -10.25 18.16
CA MET A 2 19.79 -9.77 18.56
C MET A 2 19.68 -8.26 18.62
N SER A 3 20.79 -7.59 18.93
CA SER A 3 20.77 -6.13 18.99
C SER A 3 20.45 -5.58 17.60
N GLU A 4 20.98 -6.22 16.56
CA GLU A 4 20.73 -5.78 15.19
C GLU A 4 19.24 -5.96 14.84
N ILE A 5 18.70 -7.11 15.21
CA ILE A 5 17.29 -7.39 14.92
C ILE A 5 16.39 -6.35 15.58
N ASP A 6 16.66 -6.04 16.85
CA ASP A 6 15.84 -5.06 17.54
C ASP A 6 16.01 -3.67 16.92
N ARG A 7 17.23 -3.31 16.56
CA ARG A 7 17.48 -2.01 15.95
C ARG A 7 16.69 -1.89 14.65
N ILE A 8 16.71 -2.95 13.84
CA ILE A 8 15.99 -2.94 12.57
C ILE A 8 14.48 -2.82 12.81
N ALA A 9 13.98 -3.60 13.76
CA ALA A 9 12.55 -3.56 14.06
C ALA A 9 12.12 -2.18 14.53
N GLN A 10 12.85 -1.61 15.48
CA GLN A 10 12.50 -0.30 16.01
C GLN A 10 12.54 0.78 14.92
N ASN A 11 13.52 0.69 14.03
CA ASN A 11 13.66 1.64 12.93
C ASN A 11 12.46 1.58 11.98
N ILE A 12 12.00 0.36 11.66
CA ILE A 12 10.86 0.20 10.76
C ILE A 12 9.56 0.65 11.42
N ILE A 13 9.40 0.32 12.71
CA ILE A 13 8.20 0.72 13.43
C ILE A 13 8.14 2.25 13.50
N LYS A 14 9.28 2.90 13.74
CA LYS A 14 9.33 4.35 13.80
C LYS A 14 9.01 4.98 12.45
N SER A 15 9.53 4.41 11.37
CA SER A 15 9.26 4.97 10.04
C SER A 15 7.77 4.88 9.75
N HIS A 16 7.16 3.74 10.08
CA HIS A 16 5.73 3.54 9.86
C HIS A 16 4.94 4.62 10.61
N LEU A 17 5.30 4.85 11.86
CA LEU A 17 4.63 5.84 12.70
C LEU A 17 4.65 7.22 12.05
N GLU A 18 5.77 7.56 11.42
CA GLU A 18 5.94 8.87 10.82
C GLU A 18 5.55 9.01 9.35
N THR A 19 5.28 7.90 8.66
CA THR A 19 5.01 8.01 7.23
C THR A 19 3.71 7.47 6.62
N CYS A 20 2.71 7.18 7.44
CA CYS A 20 1.44 6.74 6.86
C CYS A 20 0.68 8.02 6.52
N GLN A 21 -0.11 7.99 5.46
CA GLN A 21 -0.86 9.19 5.08
C GLN A 21 -1.78 9.53 6.25
N TYR A 22 -2.28 8.49 6.91
CA TYR A 22 -3.17 8.65 8.06
C TYR A 22 -2.57 8.06 9.32
N THR A 23 -2.36 8.91 10.32
CA THR A 23 -1.83 8.47 11.59
C THR A 23 -2.97 7.80 12.36
N MET A 24 -2.64 7.00 13.36
CA MET A 24 -3.67 6.35 14.15
C MET A 24 -4.54 7.42 14.81
N GLU A 25 -3.92 8.55 15.13
CA GLU A 25 -4.64 9.65 15.76
C GLU A 25 -5.74 10.16 14.84
N GLU A 26 -5.40 10.40 13.58
CA GLU A 26 -6.40 10.89 12.64
C GLU A 26 -7.50 9.86 12.39
N LEU A 27 -7.12 8.59 12.27
CA LEU A 27 -8.12 7.54 12.05
C LEU A 27 -9.06 7.47 13.26
N HIS A 28 -8.51 7.67 14.45
CA HIS A 28 -9.31 7.63 15.67
C HIS A 28 -10.34 8.75 15.67
N GLN A 29 -9.92 9.93 15.24
CA GLN A 29 -10.82 11.08 15.19
C GLN A 29 -11.95 10.89 14.18
N LEU A 30 -11.65 10.24 13.06
CA LEU A 30 -12.67 10.00 12.03
C LEU A 30 -13.76 9.04 12.51
N ALA A 31 -13.37 8.06 13.32
CA ALA A 31 -14.30 7.08 13.85
C ALA A 31 -15.30 6.54 12.82
N TRP A 32 -14.78 6.04 11.71
CA TRP A 32 -15.59 5.46 10.65
C TRP A 32 -16.62 6.36 9.97
N GLN A 33 -16.54 7.67 10.17
CA GLN A 33 -17.49 8.59 9.55
C GLN A 33 -17.62 8.32 8.04
N THR A 34 -18.85 8.18 7.56
CA THR A 34 -19.09 7.91 6.15
C THR A 34 -19.53 9.12 5.31
N HIS A 35 -19.34 9.02 4.00
CA HIS A 35 -19.75 10.07 3.08
C HIS A 35 -21.28 10.10 3.12
N THR A 36 -21.86 11.27 2.94
CA THR A 36 -23.32 11.39 2.96
C THR A 36 -23.92 10.89 1.66
N TYR A 37 -25.23 10.72 1.64
CA TYR A 37 -25.90 10.24 0.43
C TYR A 37 -25.69 11.23 -0.71
N GLU A 38 -25.63 12.52 -0.38
CA GLU A 38 -25.41 13.55 -1.37
C GLU A 38 -24.02 13.42 -1.97
N GLU A 39 -23.03 13.19 -1.11
CA GLU A 39 -21.65 13.04 -1.56
C GLU A 39 -21.49 11.77 -2.40
N ILE A 40 -22.16 10.70 -2.00
CA ILE A 40 -22.10 9.45 -2.73
C ILE A 40 -22.71 9.64 -4.12
N LYS A 41 -23.83 10.34 -4.18
CA LYS A 41 -24.51 10.60 -5.45
C LYS A 41 -23.58 11.38 -6.36
N ALA A 42 -22.85 12.35 -5.80
CA ALA A 42 -21.93 13.16 -6.58
C ALA A 42 -20.85 12.29 -7.20
N TYR A 43 -20.33 11.35 -6.41
CA TYR A 43 -19.28 10.45 -6.90
C TYR A 43 -19.83 9.59 -8.04
N GLN A 44 -21.08 9.15 -7.90
CA GLN A 44 -21.69 8.30 -8.91
C GLN A 44 -22.02 9.08 -10.18
N SER A 45 -22.15 10.40 -10.05
CA SER A 45 -22.46 11.26 -11.19
C SER A 45 -21.23 11.70 -11.98
N LYS A 46 -20.05 11.43 -11.43
CA LYS A 46 -18.80 11.78 -12.10
C LYS A 46 -18.60 10.91 -13.33
N SER A 47 -17.92 11.45 -14.33
CA SER A 47 -17.63 10.68 -15.54
C SER A 47 -16.55 9.68 -15.13
N ARG A 48 -16.38 8.64 -15.93
CA ARG A 48 -15.37 7.63 -15.65
C ARG A 48 -13.99 8.29 -15.61
N GLU A 49 -13.74 9.18 -16.56
CA GLU A 49 -12.46 9.88 -16.63
C GLU A 49 -12.22 10.74 -15.39
N ALA A 50 -13.26 11.45 -14.97
CA ALA A 50 -13.16 12.31 -13.80
C ALA A 50 -12.88 11.54 -12.51
N LEU A 51 -13.60 10.45 -12.29
CA LEU A 51 -13.38 9.68 -11.08
C LEU A 51 -12.02 8.98 -11.10
N TRP A 52 -11.59 8.53 -12.27
CA TRP A 52 -10.29 7.87 -12.37
C TRP A 52 -9.19 8.86 -11.98
N GLN A 53 -9.34 10.10 -12.41
CA GLN A 53 -8.36 11.14 -12.11
C GLN A 53 -8.29 11.33 -10.59
N GLN A 54 -9.44 11.41 -9.93
CA GLN A 54 -9.48 11.58 -8.48
C GLN A 54 -8.84 10.38 -7.77
N CYS A 55 -9.10 9.18 -8.27
CA CYS A 55 -8.54 7.99 -7.65
C CYS A 55 -7.02 7.95 -7.85
N ALA A 56 -6.56 8.36 -9.03
CA ALA A 56 -5.13 8.37 -9.31
C ALA A 56 -4.42 9.33 -8.35
N ILE A 57 -5.08 10.44 -8.04
CA ILE A 57 -4.49 11.41 -7.13
C ILE A 57 -4.39 10.84 -5.71
N GLN A 58 -5.43 10.18 -5.23
CA GLN A 58 -5.38 9.60 -3.89
C GLN A 58 -4.34 8.49 -3.82
N ILE A 59 -4.26 7.68 -4.88
CA ILE A 59 -3.29 6.59 -4.90
C ILE A 59 -1.87 7.15 -4.93
N THR A 60 -1.65 8.20 -5.72
CA THR A 60 -0.33 8.82 -5.80
C THR A 60 0.07 9.41 -4.45
N HIS A 61 -0.89 10.03 -3.78
CA HIS A 61 -0.63 10.63 -2.48
C HIS A 61 -0.12 9.54 -1.53
N ALA A 62 -0.79 8.40 -1.50
CA ALA A 62 -0.40 7.28 -0.65
C ALA A 62 0.97 6.73 -1.06
N ILE A 63 1.21 6.62 -2.37
CA ILE A 63 2.49 6.12 -2.86
C ILE A 63 3.63 7.03 -2.40
N GLN A 64 3.40 8.34 -2.42
CA GLN A 64 4.43 9.28 -1.99
C GLN A 64 4.83 8.99 -0.54
N TYR A 65 3.86 8.63 0.30
CA TYR A 65 4.17 8.31 1.68
C TYR A 65 4.94 6.99 1.79
N VAL A 66 4.72 6.07 0.85
CA VAL A 66 5.47 4.81 0.88
C VAL A 66 6.93 5.10 0.54
N VAL A 67 7.16 6.07 -0.36
CA VAL A 67 8.54 6.43 -0.71
C VAL A 67 9.22 6.97 0.56
N GLU A 68 8.50 7.80 1.31
CA GLU A 68 9.05 8.35 2.56
C GLU A 68 9.33 7.24 3.57
N PHE A 69 8.45 6.25 3.63
CA PHE A 69 8.59 5.10 4.51
C PHE A 69 9.93 4.40 4.21
N ALA A 70 10.16 4.11 2.94
CA ALA A 70 11.38 3.43 2.52
C ALA A 70 12.64 4.23 2.83
N LYS A 71 12.59 5.54 2.59
CA LYS A 71 13.74 6.41 2.84
C LYS A 71 14.18 6.41 4.30
N ARG A 72 13.25 6.13 5.22
CA ARG A 72 13.59 6.12 6.63
C ARG A 72 13.98 4.75 7.19
N ILE A 73 14.02 3.74 6.32
CA ILE A 73 14.44 2.41 6.76
C ILE A 73 15.91 2.31 6.39
N THR A 74 16.76 2.29 7.41
CA THR A 74 18.21 2.24 7.21
C THR A 74 18.69 1.16 6.26
N GLY A 75 18.18 -0.05 6.43
CA GLY A 75 18.57 -1.16 5.58
C GLY A 75 18.17 -0.99 4.11
N PHE A 76 17.05 -0.31 3.89
CA PHE A 76 16.60 -0.08 2.53
C PHE A 76 17.56 0.86 1.81
N MET A 77 17.97 1.92 2.50
CA MET A 77 18.87 2.89 1.88
C MET A 77 20.29 2.37 1.71
N GLU A 78 20.59 1.24 2.34
CA GLU A 78 21.91 0.61 2.21
C GLU A 78 21.98 -0.21 0.91
N LEU A 79 20.82 -0.51 0.33
CA LEU A 79 20.77 -1.27 -0.91
C LEU A 79 21.20 -0.34 -2.06
N CYS A 80 21.72 -0.91 -3.14
CA CYS A 80 22.14 -0.07 -4.26
C CYS A 80 20.92 0.68 -4.80
N GLN A 81 21.15 1.88 -5.30
CA GLN A 81 20.05 2.69 -5.81
C GLN A 81 19.22 2.00 -6.89
N ASN A 82 19.87 1.23 -7.75
CA ASN A 82 19.14 0.52 -8.80
C ASN A 82 18.06 -0.35 -8.19
N ASP A 83 18.42 -1.11 -7.16
CA ASP A 83 17.47 -1.99 -6.52
C ASP A 83 16.45 -1.23 -5.67
N GLN A 84 16.85 -0.08 -5.12
CA GLN A 84 15.91 0.73 -4.34
C GLN A 84 14.76 1.13 -5.28
N ILE A 85 15.12 1.58 -6.48
CA ILE A 85 14.14 1.99 -7.47
C ILE A 85 13.24 0.82 -7.91
N LEU A 86 13.84 -0.33 -8.15
CA LEU A 86 13.06 -1.50 -8.57
C LEU A 86 12.07 -1.94 -7.49
N LEU A 87 12.51 -1.95 -6.24
CA LEU A 87 11.64 -2.36 -5.15
C LEU A 87 10.45 -1.40 -5.01
N LEU A 88 10.72 -0.11 -5.15
CA LEU A 88 9.64 0.86 -5.04
C LEU A 88 8.70 0.80 -6.24
N LYS A 89 9.25 0.71 -7.45
CA LYS A 89 8.38 0.65 -8.61
C LYS A 89 7.46 -0.57 -8.58
N SER A 90 8.03 -1.72 -8.22
CA SER A 90 7.28 -2.96 -8.18
C SER A 90 6.44 -3.18 -6.93
N GLY A 91 6.80 -2.54 -5.82
CA GLY A 91 6.05 -2.78 -4.60
C GLY A 91 5.35 -1.64 -3.90
N CYS A 92 5.49 -0.42 -4.39
CA CYS A 92 4.82 0.69 -3.72
C CYS A 92 3.32 0.51 -3.59
N LEU A 93 2.65 0.09 -4.66
CA LEU A 93 1.20 -0.10 -4.59
C LEU A 93 0.82 -1.25 -3.65
N GLU A 94 1.69 -2.26 -3.56
CA GLU A 94 1.42 -3.37 -2.66
C GLU A 94 1.45 -2.88 -1.21
N VAL A 95 2.37 -1.97 -0.91
CA VAL A 95 2.44 -1.42 0.45
C VAL A 95 1.20 -0.56 0.70
N VAL A 96 0.78 0.20 -0.32
CA VAL A 96 -0.42 1.02 -0.18
C VAL A 96 -1.62 0.13 0.13
N LEU A 97 -1.71 -1.02 -0.55
CA LEU A 97 -2.83 -1.93 -0.28
C LEU A 97 -2.82 -2.43 1.16
N VAL A 98 -1.65 -2.77 1.69
CA VAL A 98 -1.57 -3.23 3.07
C VAL A 98 -2.00 -2.10 4.00
N ARG A 99 -1.51 -0.89 3.72
CA ARG A 99 -1.85 0.28 4.55
C ARG A 99 -3.33 0.62 4.49
N MET A 100 -3.93 0.41 3.32
CA MET A 100 -5.35 0.70 3.13
C MET A 100 -6.19 -0.05 4.16
N CYS A 101 -5.72 -1.21 4.58
CA CYS A 101 -6.45 -2.02 5.56
C CYS A 101 -6.62 -1.32 6.90
N ARG A 102 -5.71 -0.39 7.22
CA ARG A 102 -5.78 0.38 8.45
C ARG A 102 -6.95 1.35 8.39
N ALA A 103 -7.30 1.73 7.16
CA ALA A 103 -8.38 2.68 6.91
C ALA A 103 -9.59 2.02 6.28
N PHE A 104 -9.89 0.81 6.74
CA PHE A 104 -11.01 0.04 6.22
C PHE A 104 -11.90 -0.40 7.38
N ASN A 105 -13.21 -0.22 7.22
CA ASN A 105 -14.17 -0.63 8.25
C ASN A 105 -14.76 -1.95 7.77
N PRO A 106 -14.38 -3.06 8.42
CA PRO A 106 -14.89 -4.40 8.05
C PRO A 106 -16.33 -4.67 8.42
N LEU A 107 -16.95 -3.80 9.21
CA LEU A 107 -18.34 -4.02 9.59
C LEU A 107 -19.33 -3.59 8.52
N ASN A 108 -19.01 -2.52 7.78
CA ASN A 108 -19.91 -2.07 6.72
C ASN A 108 -19.21 -2.05 5.35
N ASN A 109 -18.00 -2.59 5.31
CA ASN A 109 -17.23 -2.66 4.08
C ASN A 109 -17.01 -1.32 3.40
N THR A 110 -16.44 -0.38 4.15
CA THR A 110 -16.17 0.94 3.60
C THR A 110 -14.69 1.26 3.79
N VAL A 111 -14.17 2.12 2.90
CA VAL A 111 -12.77 2.51 2.95
C VAL A 111 -12.64 4.03 2.97
N LEU A 112 -11.58 4.51 3.61
CA LEU A 112 -11.33 5.94 3.70
C LEU A 112 -10.90 6.45 2.33
N PHE A 113 -11.67 7.37 1.77
CA PHE A 113 -11.38 7.95 0.46
C PHE A 113 -11.75 9.43 0.49
N GLU A 114 -10.77 10.29 0.21
CA GLU A 114 -10.96 11.73 0.23
C GLU A 114 -11.58 12.23 1.54
N GLY A 115 -11.04 11.75 2.66
CA GLY A 115 -11.51 12.23 3.95
C GLY A 115 -12.63 11.52 4.71
N LYS A 116 -13.38 10.65 4.04
CA LYS A 116 -14.47 9.94 4.72
C LYS A 116 -14.56 8.50 4.20
N TYR A 117 -15.30 7.66 4.91
CA TYR A 117 -15.46 6.26 4.50
C TYR A 117 -16.58 6.09 3.49
N GLY A 118 -16.33 5.26 2.48
CA GLY A 118 -17.33 5.02 1.46
C GLY A 118 -17.31 3.57 1.01
N GLY A 119 -18.48 3.07 0.62
CA GLY A 119 -18.59 1.69 0.17
C GLY A 119 -18.25 1.52 -1.29
N MET A 120 -18.26 0.29 -1.76
CA MET A 120 -17.90 0.03 -3.14
C MET A 120 -18.79 0.74 -4.16
N GLN A 121 -20.02 1.06 -3.78
CA GLN A 121 -20.93 1.73 -4.71
C GLN A 121 -20.50 3.16 -5.00
N MET A 122 -19.63 3.71 -4.15
CA MET A 122 -19.13 5.07 -4.35
C MET A 122 -18.21 5.11 -5.56
N PHE A 123 -17.68 3.94 -5.94
CA PHE A 123 -16.76 3.83 -7.06
C PHE A 123 -17.39 3.26 -8.33
N LYS A 124 -18.72 3.29 -8.39
CA LYS A 124 -19.45 2.77 -9.54
C LYS A 124 -18.94 3.32 -10.88
N ALA A 125 -18.69 4.63 -10.94
CA ALA A 125 -18.24 5.27 -12.18
C ALA A 125 -16.92 4.73 -12.74
N LEU A 126 -16.14 4.06 -11.90
CA LEU A 126 -14.86 3.51 -12.36
C LEU A 126 -15.07 2.38 -13.36
N GLY A 127 -16.22 1.73 -13.26
CA GLY A 127 -16.50 0.60 -14.14
C GLY A 127 -15.50 -0.51 -13.89
N SER A 128 -15.09 -0.64 -12.64
CA SER A 128 -14.11 -1.66 -12.25
C SER A 128 -14.49 -2.30 -10.91
N ASP A 129 -15.73 -2.74 -10.77
CA ASP A 129 -16.19 -3.36 -9.52
C ASP A 129 -15.33 -4.55 -9.10
N ASP A 130 -14.74 -5.24 -10.06
CA ASP A 130 -13.91 -6.40 -9.73
C ASP A 130 -12.65 -5.97 -8.98
N LEU A 131 -12.06 -4.84 -9.38
CA LEU A 131 -10.87 -4.35 -8.69
C LEU A 131 -11.26 -3.90 -7.29
N VAL A 132 -12.37 -3.18 -7.17
CA VAL A 132 -12.83 -2.71 -5.88
C VAL A 132 -13.17 -3.89 -4.99
N ASN A 133 -13.87 -4.88 -5.55
CA ASN A 133 -14.25 -6.07 -4.79
C ASN A 133 -13.04 -6.85 -4.30
N GLU A 134 -12.03 -7.00 -5.16
CA GLU A 134 -10.83 -7.75 -4.78
C GLU A 134 -10.05 -7.01 -3.71
N ALA A 135 -10.01 -5.68 -3.80
CA ALA A 135 -9.28 -4.88 -2.82
C ALA A 135 -10.00 -4.95 -1.47
N PHE A 136 -11.33 -4.82 -1.50
CA PHE A 136 -12.14 -4.88 -0.29
C PHE A 136 -12.10 -6.27 0.34
N ASP A 137 -12.09 -7.32 -0.49
CA ASP A 137 -12.03 -8.68 0.04
C ASP A 137 -10.72 -8.89 0.78
N PHE A 138 -9.63 -8.40 0.21
CA PHE A 138 -8.32 -8.54 0.85
C PHE A 138 -8.32 -7.80 2.19
N ALA A 139 -8.82 -6.56 2.17
CA ALA A 139 -8.87 -5.76 3.39
C ALA A 139 -9.69 -6.43 4.48
N LYS A 140 -10.87 -6.91 4.13
CA LYS A 140 -11.73 -7.59 5.11
C LYS A 140 -10.97 -8.76 5.72
N ASN A 141 -10.27 -9.48 4.87
CA ASN A 141 -9.52 -10.65 5.30
C ASN A 141 -8.32 -10.31 6.19
N LEU A 142 -7.60 -9.24 5.86
CA LEU A 142 -6.47 -8.87 6.67
C LEU A 142 -6.96 -8.34 8.01
N CYS A 143 -8.07 -7.60 7.99
CA CYS A 143 -8.64 -7.05 9.22
C CYS A 143 -9.06 -8.14 10.20
N SER A 144 -9.43 -9.31 9.69
CA SER A 144 -9.85 -10.42 10.55
C SER A 144 -8.71 -10.90 11.45
N LEU A 145 -7.47 -10.58 11.07
CA LEU A 145 -6.32 -10.98 11.87
C LEU A 145 -6.07 -10.01 13.03
N GLN A 146 -6.73 -8.86 13.01
CA GLN A 146 -6.57 -7.85 14.05
C GLN A 146 -5.14 -7.53 14.37
N LEU A 147 -4.39 -7.17 13.34
CA LEU A 147 -2.97 -6.83 13.49
C LEU A 147 -2.77 -5.50 14.20
N THR A 148 -1.68 -5.40 14.95
CA THR A 148 -1.33 -4.17 15.64
C THR A 148 -0.53 -3.31 14.68
N GLU A 149 -0.32 -2.05 15.04
CA GLU A 149 0.42 -1.14 14.18
C GLU A 149 1.87 -1.61 13.99
N GLU A 150 2.46 -2.22 15.01
CA GLU A 150 3.84 -2.70 14.89
C GLU A 150 3.90 -3.85 13.87
N GLU A 151 2.90 -4.72 13.91
CA GLU A 151 2.86 -5.85 12.99
C GLU A 151 2.64 -5.38 11.55
N ILE A 152 1.77 -4.39 11.36
CA ILE A 152 1.52 -3.86 10.04
C ILE A 152 2.79 -3.18 9.50
N ALA A 153 3.49 -2.47 10.38
CA ALA A 153 4.72 -1.81 9.99
C ALA A 153 5.74 -2.82 9.45
N LEU A 154 5.98 -3.87 10.24
CA LEU A 154 6.95 -4.90 9.85
C LEU A 154 6.49 -5.69 8.63
N PHE A 155 5.22 -6.09 8.60
CA PHE A 155 4.75 -6.84 7.44
C PHE A 155 4.83 -5.99 6.17
N SER A 156 4.41 -4.74 6.24
CA SER A 156 4.47 -3.89 5.06
C SER A 156 5.91 -3.74 4.57
N SER A 157 6.87 -3.68 5.51
CA SER A 157 8.25 -3.54 5.08
C SER A 157 8.74 -4.83 4.39
N ALA A 158 8.22 -5.98 4.81
CA ALA A 158 8.61 -7.24 4.18
C ALA A 158 8.02 -7.34 2.78
N VAL A 159 6.84 -6.75 2.59
CA VAL A 159 6.19 -6.75 1.27
C VAL A 159 7.04 -5.92 0.31
N LEU A 160 7.57 -4.80 0.80
CA LEU A 160 8.41 -3.92 -0.01
C LEU A 160 9.79 -4.51 -0.26
N ILE A 161 10.41 -5.03 0.79
CA ILE A 161 11.76 -5.59 0.69
C ILE A 161 11.67 -7.06 0.33
N SER A 162 11.31 -7.28 -0.93
CA SER A 162 11.13 -8.60 -1.50
C SER A 162 12.27 -9.02 -2.43
N PRO A 163 12.95 -10.12 -2.10
CA PRO A 163 14.06 -10.57 -2.94
C PRO A 163 13.64 -11.23 -4.24
N ASP A 164 12.35 -11.42 -4.43
CA ASP A 164 11.87 -12.07 -5.64
C ASP A 164 11.46 -11.15 -6.79
N ARG A 165 11.59 -9.84 -6.59
CA ARG A 165 11.22 -8.92 -7.66
C ARG A 165 12.13 -9.11 -8.88
N ALA A 166 11.53 -9.05 -10.07
CA ALA A 166 12.32 -9.22 -11.27
C ALA A 166 13.35 -8.10 -11.41
N TRP A 167 14.47 -8.45 -12.05
CA TRP A 167 15.56 -7.53 -12.36
C TRP A 167 16.49 -7.08 -11.24
N LEU A 168 16.23 -7.45 -9.99
CA LEU A 168 17.12 -7.04 -8.90
C LEU A 168 18.55 -7.49 -9.19
N LEU A 169 19.50 -6.59 -9.03
CA LEU A 169 20.92 -6.90 -9.28
C LEU A 169 21.58 -7.62 -8.11
N GLU A 170 21.16 -7.32 -6.89
CA GLU A 170 21.73 -7.96 -5.70
C GLU A 170 20.60 -8.51 -4.83
N PRO A 171 19.86 -9.51 -5.34
CA PRO A 171 18.75 -10.11 -4.60
C PRO A 171 19.09 -10.70 -3.24
N ARG A 172 20.30 -11.22 -3.08
CA ARG A 172 20.68 -11.82 -1.80
C ARG A 172 20.72 -10.79 -0.67
N LYS A 173 21.12 -9.56 -0.98
CA LYS A 173 21.15 -8.53 0.05
C LYS A 173 19.73 -8.20 0.48
N VAL A 174 18.80 -8.22 -0.47
CA VAL A 174 17.40 -7.95 -0.14
C VAL A 174 16.87 -9.10 0.70
N GLN A 175 17.24 -10.33 0.33
CA GLN A 175 16.80 -11.52 1.06
C GLN A 175 17.27 -11.49 2.51
N LYS A 176 18.53 -11.11 2.73
CA LYS A 176 19.07 -11.08 4.08
C LYS A 176 18.34 -10.08 4.97
N LEU A 177 17.97 -8.94 4.40
CA LEU A 177 17.25 -7.94 5.16
C LEU A 177 15.83 -8.43 5.45
N GLN A 178 15.17 -9.00 4.44
CA GLN A 178 13.81 -9.49 4.63
C GLN A 178 13.76 -10.58 5.70
N GLU A 179 14.79 -11.43 5.74
CA GLU A 179 14.84 -12.50 6.72
C GLU A 179 14.88 -11.92 8.13
N LYS A 180 15.66 -10.86 8.31
CA LYS A 180 15.77 -10.22 9.61
C LYS A 180 14.43 -9.62 10.01
N ILE A 181 13.73 -9.02 9.04
CA ILE A 181 12.42 -8.41 9.29
C ILE A 181 11.40 -9.46 9.72
N TYR A 182 11.37 -10.59 9.01
CA TYR A 182 10.43 -11.66 9.35
C TYR A 182 10.73 -12.26 10.73
N PHE A 183 12.02 -12.34 11.09
CA PHE A 183 12.42 -12.87 12.39
C PHE A 183 11.88 -11.92 13.47
N ALA A 184 12.00 -10.61 13.23
CA ALA A 184 11.50 -9.63 14.17
C ALA A 184 9.97 -9.72 14.28
N LEU A 185 9.31 -9.80 13.12
CA LEU A 185 7.85 -9.88 13.10
C LEU A 185 7.32 -11.12 13.84
N GLN A 186 8.02 -12.24 13.67
CA GLN A 186 7.65 -13.49 14.33
C GLN A 186 7.57 -13.28 15.85
N HIS A 187 8.53 -12.54 16.39
CA HIS A 187 8.57 -12.28 17.82
C HIS A 187 7.52 -11.29 18.28
N VAL A 188 7.33 -10.23 17.49
CA VAL A 188 6.33 -9.22 17.84
C VAL A 188 4.94 -9.86 17.90
N ILE A 189 4.65 -10.73 16.96
CA ILE A 189 3.35 -11.40 16.91
C ILE A 189 3.04 -12.18 18.19
N GLN A 190 4.08 -12.69 18.83
CA GLN A 190 3.89 -13.44 20.06
C GLN A 190 3.22 -12.62 21.16
N LYS A 191 3.36 -11.30 21.10
CA LYS A 191 2.74 -10.43 22.11
C LYS A 191 1.24 -10.26 21.94
N ASN A 192 0.78 -10.39 20.69
CA ASN A 192 -0.62 -10.14 20.39
C ASN A 192 -1.50 -11.28 19.87
N HIS A 193 -0.91 -12.40 19.46
CA HIS A 193 -1.74 -13.48 18.93
C HIS A 193 -1.42 -14.88 19.44
N LEU A 194 -2.48 -15.62 19.77
CA LEU A 194 -2.36 -16.98 20.25
C LEU A 194 -1.91 -17.90 19.11
N ASP A 195 -2.42 -17.61 17.92
CA ASP A 195 -2.09 -18.41 16.74
C ASP A 195 -0.66 -18.16 16.28
N ASP A 196 0.23 -19.09 16.63
CA ASP A 196 1.64 -18.99 16.27
C ASP A 196 1.82 -19.15 14.76
N GLU A 197 0.70 -19.28 14.06
CA GLU A 197 0.71 -19.43 12.60
C GLU A 197 0.35 -18.13 11.91
N THR A 198 0.13 -17.07 12.69
CA THR A 198 -0.23 -15.77 12.13
C THR A 198 0.76 -15.32 11.04
N LEU A 199 2.05 -15.51 11.30
CA LEU A 199 3.06 -15.12 10.32
C LEU A 199 2.85 -15.92 9.04
N ALA A 200 2.60 -17.21 9.19
CA ALA A 200 2.38 -18.06 8.03
C ALA A 200 1.17 -17.57 7.22
N LYS A 201 0.11 -17.19 7.92
CA LYS A 201 -1.09 -16.69 7.28
C LYS A 201 -0.78 -15.41 6.50
N LEU A 202 0.05 -14.55 7.08
CA LEU A 202 0.42 -13.31 6.42
C LEU A 202 1.24 -13.55 5.16
N ILE A 203 2.26 -14.39 5.29
CA ILE A 203 3.12 -14.68 4.14
C ILE A 203 2.30 -15.31 3.01
N ALA A 204 1.28 -16.08 3.37
CA ALA A 204 0.42 -16.72 2.38
C ALA A 204 -0.40 -15.71 1.56
N LYS A 205 -0.56 -14.51 2.08
CA LYS A 205 -1.33 -13.47 1.39
C LYS A 205 -0.53 -12.69 0.35
N ILE A 206 0.79 -12.86 0.37
CA ILE A 206 1.66 -12.16 -0.57
C ILE A 206 1.20 -12.26 -2.03
N PRO A 207 0.87 -13.48 -2.50
CA PRO A 207 0.42 -13.59 -3.89
C PRO A 207 -0.89 -12.84 -4.18
N THR A 208 -1.77 -12.78 -3.18
CA THR A 208 -3.05 -12.09 -3.32
C THR A 208 -2.82 -10.59 -3.45
N ILE A 209 -1.91 -10.06 -2.64
CA ILE A 209 -1.58 -8.65 -2.68
C ILE A 209 -1.10 -8.29 -4.09
N THR A 210 -0.20 -9.10 -4.64
CA THR A 210 0.32 -8.86 -5.97
C THR A 210 -0.79 -8.96 -7.02
N ALA A 211 -1.70 -9.92 -6.83
CA ALA A 211 -2.80 -10.11 -7.77
C ALA A 211 -3.71 -8.88 -7.84
N VAL A 212 -4.01 -8.29 -6.69
CA VAL A 212 -4.86 -7.11 -6.66
C VAL A 212 -4.17 -5.95 -7.38
N CYS A 213 -2.89 -5.76 -7.11
CA CYS A 213 -2.17 -4.68 -7.74
C CYS A 213 -2.01 -4.89 -9.24
N ASN A 214 -1.88 -6.14 -9.67
CA ASN A 214 -1.76 -6.39 -11.09
C ASN A 214 -3.10 -6.10 -11.77
N LEU A 215 -4.20 -6.32 -11.05
CA LEU A 215 -5.51 -6.04 -11.60
C LEU A 215 -5.65 -4.54 -11.80
N HIS A 216 -5.08 -3.75 -10.88
CA HIS A 216 -5.11 -2.30 -11.01
C HIS A 216 -4.43 -1.93 -12.32
N GLY A 217 -3.31 -2.58 -12.61
CA GLY A 217 -2.58 -2.29 -13.84
C GLY A 217 -3.42 -2.65 -15.05
N GLU A 218 -4.13 -3.76 -14.98
CA GLU A 218 -4.98 -4.22 -16.08
C GLU A 218 -6.08 -3.19 -16.37
N LYS A 219 -6.74 -2.72 -15.31
CA LYS A 219 -7.80 -1.74 -15.48
C LYS A 219 -7.27 -0.46 -16.07
N LEU A 220 -6.09 -0.04 -15.62
CA LEU A 220 -5.49 1.18 -16.12
C LEU A 220 -5.17 1.06 -17.61
N GLN A 221 -4.71 -0.12 -18.03
CA GLN A 221 -4.38 -0.34 -19.43
C GLN A 221 -5.60 -0.14 -20.33
N VAL A 222 -6.75 -0.66 -19.91
CA VAL A 222 -7.98 -0.51 -20.68
C VAL A 222 -8.41 0.95 -20.67
N PHE A 223 -8.30 1.60 -19.52
CA PHE A 223 -8.67 3.01 -19.40
C PHE A 223 -7.83 3.83 -20.37
N LYS A 224 -6.55 3.48 -20.47
CA LYS A 224 -5.63 4.19 -21.35
C LYS A 224 -6.05 4.03 -22.81
N GLN A 225 -6.64 2.89 -23.13
CA GLN A 225 -7.11 2.62 -24.49
C GLN A 225 -8.22 3.59 -24.86
N SER A 226 -9.16 3.77 -23.93
CA SER A 226 -10.30 4.65 -24.14
C SER A 226 -9.98 6.13 -23.92
N HIS A 227 -9.06 6.43 -23.02
CA HIS A 227 -8.72 7.82 -22.72
C HIS A 227 -7.21 8.08 -22.58
N PRO A 228 -6.44 7.88 -23.66
CA PRO A 228 -5.00 8.10 -23.61
C PRO A 228 -4.58 9.53 -23.25
N ASP A 229 -5.36 10.51 -23.69
CA ASP A 229 -5.04 11.91 -23.41
C ASP A 229 -5.14 12.23 -21.92
N ILE A 230 -6.11 11.63 -21.25
CA ILE A 230 -6.30 11.87 -19.82
C ILE A 230 -5.09 11.42 -19.01
N VAL A 231 -4.61 10.21 -19.31
CA VAL A 231 -3.46 9.65 -18.61
C VAL A 231 -2.19 10.46 -18.82
N ASN A 232 -1.91 10.82 -20.07
CA ASN A 232 -0.70 11.57 -20.38
C ASN A 232 -0.69 13.04 -19.97
N THR A 233 -1.85 13.70 -19.95
CA THR A 233 -1.87 15.11 -19.59
C THR A 233 -2.66 15.49 -18.34
N LEU A 234 -3.34 14.53 -17.73
CA LEU A 234 -4.11 14.84 -16.53
C LEU A 234 -3.71 14.07 -15.28
N PHE A 235 -3.33 12.81 -15.42
CA PHE A 235 -2.93 12.01 -14.28
C PHE A 235 -1.65 12.54 -13.65
N PRO A 236 -1.42 12.26 -12.35
CA PRO A 236 -0.21 12.73 -11.70
C PRO A 236 1.01 12.17 -12.43
N PRO A 237 2.04 13.00 -12.64
CA PRO A 237 3.24 12.51 -13.34
C PRO A 237 3.88 11.24 -12.77
N LEU A 238 3.90 11.12 -11.44
CA LEU A 238 4.49 9.92 -10.84
C LEU A 238 3.66 8.68 -11.14
N TYR A 239 2.35 8.86 -11.16
CA TYR A 239 1.44 7.76 -11.43
C TYR A 239 1.68 7.25 -12.85
N LYS A 240 1.89 8.19 -13.78
CA LYS A 240 2.15 7.83 -15.16
C LYS A 240 3.50 7.11 -15.25
N GLU A 241 4.50 7.63 -14.54
CA GLU A 241 5.84 7.05 -14.55
C GLU A 241 5.87 5.61 -14.03
N LEU A 242 5.15 5.35 -12.95
CA LEU A 242 5.11 4.02 -12.33
C LEU A 242 4.26 2.99 -13.07
N PHE A 243 3.16 3.42 -13.65
CA PHE A 243 2.25 2.50 -14.33
C PHE A 243 2.04 2.78 -15.81
N ASN A 244 2.67 3.83 -16.30
CA ASN A 244 2.56 4.23 -17.71
C ASN A 244 1.20 3.92 -18.33
N HIS B 1 12.84 6.91 -14.60
CA HIS B 1 12.51 7.03 -13.19
C HIS B 1 12.92 8.39 -12.64
N LYS B 2 12.78 9.43 -13.45
CA LYS B 2 13.14 10.79 -13.05
C LYS B 2 12.49 11.26 -11.76
N ILE B 3 11.17 11.14 -11.69
CA ILE B 3 10.45 11.59 -10.49
C ILE B 3 10.74 10.73 -9.28
N LEU B 4 10.68 9.41 -9.45
CA LEU B 4 10.95 8.52 -8.33
C LEU B 4 12.36 8.80 -7.81
N HIS B 5 13.30 9.01 -8.72
CA HIS B 5 14.67 9.30 -8.36
C HIS B 5 14.76 10.61 -7.56
N ARG B 6 14.03 11.63 -8.00
CA ARG B 6 14.06 12.90 -7.30
C ARG B 6 13.51 12.78 -5.87
N LEU B 7 12.40 12.05 -5.72
CA LEU B 7 11.78 11.88 -4.41
C LEU B 7 12.68 11.09 -3.47
N LEU B 8 13.36 10.09 -4.01
CA LEU B 8 14.25 9.26 -3.20
C LEU B 8 15.38 10.08 -2.62
N GLN B 9 15.80 11.11 -3.35
CA GLN B 9 16.90 11.95 -2.92
C GLN B 9 16.48 13.25 -2.25
N GLU B 10 15.18 13.55 -2.29
CA GLU B 10 14.67 14.79 -1.68
C GLU B 10 14.93 14.79 -0.18
C16 ARL C . -4.97 5.42 3.49
C9 ARL C . -3.79 4.82 2.68
C13 ARL C . -4.14 4.13 1.40
C8 ARL C . -5.37 3.98 0.87
C44 ARL C . -5.71 3.28 -0.38
C42 ARL C . -6.80 3.51 -1.22
C7 ARL C . -7.86 4.60 -0.88
C3 ARL C . -7.01 2.65 -2.49
C4 ARL C . -6.03 1.67 -2.95
C5 ARL C . -6.22 0.84 -4.17
C6 ARL C . -7.47 1.03 -4.89
C1 ARL C . -8.51 1.99 -4.50
C2 ARL C . -8.24 2.78 -3.28
C10 ARL C . -9.87 2.18 -5.30
C11 ARL C . -10.10 1.20 -6.49
C15 ARL C . -9.93 3.60 -5.90
C19 ARL C . -11.08 1.98 -4.36
C23 ARL C . -5.13 -0.22 -4.63
C24 ARL C . -4.59 -0.01 -6.06
C28 ARL C . -5.70 -1.64 -4.60
C32 ARL C . -3.92 -0.21 -3.70
C14 ARL C . -2.46 4.87 3.03
C12 ARL C . -1.80 5.47 4.24
O2 ARL C . -2.37 6.03 5.12
O3 ARL C . -0.60 5.39 4.30
#